data_3CV7
#
_entry.id   3CV7
#
_cell.length_a   67.385
_cell.length_b   67.385
_cell.length_c   246.106
_cell.angle_alpha   90.00
_cell.angle_beta   90.00
_cell.angle_gamma   120.00
#
_symmetry.space_group_name_H-M   'P 65 2 2'
#
loop_
_entity.id
_entity.type
_entity.pdbx_description
1 polymer 'Alcohol dehydrogenase'
2 non-polymer 'SULFATE ION'
3 non-polymer 'NADP NICOTINAMIDE-ADENINE-DINUCLEOTIDE PHOSPHATE'
4 non-polymer '3,5-dichloro-2-hydroxybenzoic acid'
5 water water
#
_entity_poly.entity_id   1
_entity_poly.type   'polypeptide(L)'
_entity_poly.pdbx_seq_one_letter_code
;MAASCVLLHTGQKMPLIGLGTWKSEPGQVKAAIKYALTVGYRHIDCAAIYGNELEIGEALQETVGPGKAVPREELFVTSK
LWNTKHHPEDVEPALRKTLADLQLEYLDLYLMHWPYAFERGDNPFPKNADGTIRYDATHYKDTWKALEALVAKGLVRALG
LSNFSSRQIDDVLSVASVRPAVLQVECHPYLAQNELIAHCQARGLEVTAYSPLGSSDRAWRDPNEPVLLEEPVVQALAEK
YNRSPAQILLRWQVQRKVICIPKSVTPSRILQNIQVFDFTFSPEEMKQLDALNKNLRFIVPMLTVDGKRVPRDAGHPLYP
FNDPY
;
_entity_poly.pdbx_strand_id   A
#
# COMPACT_ATOMS: atom_id res chain seq x y z
N MET A 1 -14.86 12.73 1.33
CA MET A 1 -14.46 13.17 2.66
C MET A 1 -15.30 12.50 3.74
N ALA A 2 -15.37 11.17 3.69
CA ALA A 2 -15.85 10.40 4.81
C ALA A 2 -14.70 10.27 5.85
N ALA A 3 -13.46 10.23 5.39
CA ALA A 3 -12.31 9.99 6.28
C ALA A 3 -11.47 11.25 6.62
N SER A 4 -10.79 11.20 7.78
CA SER A 4 -9.82 12.22 8.22
C SER A 4 -8.55 12.03 7.42
N CYS A 5 -7.68 13.04 7.46
CA CYS A 5 -6.41 13.00 6.74
C CYS A 5 -5.19 13.15 7.66
N VAL A 6 -4.02 12.90 7.09
CA VAL A 6 -2.77 13.35 7.69
C VAL A 6 -2.09 14.29 6.68
N LEU A 7 -1.35 15.25 7.21
CA LEU A 7 -0.58 16.15 6.39
C LEU A 7 0.78 15.51 6.03
N LEU A 8 1.04 15.37 4.74
CA LEU A 8 2.35 14.96 4.26
C LEU A 8 3.28 16.17 4.32
N HIS A 9 4.60 15.93 4.37
CA HIS A 9 5.58 17.05 4.45
C HIS A 9 5.49 17.99 3.24
N THR A 10 4.84 17.51 2.17
CA THR A 10 4.66 18.26 0.94
C THR A 10 3.58 19.30 1.09
N GLY A 11 2.65 19.05 2.00
CA GLY A 11 1.46 19.90 2.13
C GLY A 11 0.17 19.22 1.68
N GLN A 12 0.33 18.07 1.03
CA GLN A 12 -0.82 17.26 0.61
C GLN A 12 -1.51 16.64 1.80
N LYS A 13 -2.84 16.68 1.80
CA LYS A 13 -3.60 15.97 2.82
C LYS A 13 -3.82 14.58 2.27
N MET A 14 -3.40 13.57 3.04
CA MET A 14 -3.58 12.14 2.70
C MET A 14 -4.64 11.46 3.59
N PRO A 15 -5.79 11.02 3.01
CA PRO A 15 -6.82 10.39 3.85
C PRO A 15 -6.33 9.10 4.52
N LEU A 16 -6.73 8.93 5.77
CA LEU A 16 -6.27 7.84 6.63
C LEU A 16 -6.86 6.50 6.26
N ILE A 17 -7.91 6.50 5.43
CA ILE A 17 -8.44 5.28 4.81
C ILE A 17 -8.44 5.43 3.27
N GLY A 18 -7.84 4.46 2.57
CA GLY A 18 -7.92 4.40 1.11
C GLY A 18 -8.49 3.04 0.69
N LEU A 19 -8.94 2.91 -0.57
CA LEU A 19 -9.38 1.60 -1.09
C LEU A 19 -8.19 0.86 -1.69
N GLY A 20 -7.94 -0.35 -1.17
CA GLY A 20 -6.99 -1.30 -1.75
C GLY A 20 -7.63 -2.02 -2.94
N THR A 21 -6.82 -2.38 -3.93
CA THR A 21 -7.31 -2.89 -5.23
C THR A 21 -6.57 -4.14 -5.70
N TRP A 22 -5.57 -4.62 -4.96
CA TRP A 22 -5.05 -5.99 -5.10
C TRP A 22 -6.04 -7.17 -5.06
N LYS A 23 -6.16 -7.83 -6.19
CA LYS A 23 -7.08 -8.89 -6.41
C LYS A 23 -8.53 -8.53 -6.70
N SER A 24 -8.84 -7.26 -6.80
CA SER A 24 -10.04 -6.83 -7.47
C SER A 24 -9.95 -6.82 -8.96
N GLU A 25 -10.63 -7.72 -9.57
CA GLU A 25 -10.36 -8.09 -10.92
C GLU A 25 -11.05 -7.16 -11.90
N PRO A 26 -10.54 -7.03 -13.11
CA PRO A 26 -11.39 -6.53 -14.21
C PRO A 26 -12.69 -7.37 -14.28
N GLY A 27 -13.82 -6.68 -14.37
CA GLY A 27 -15.14 -7.31 -14.25
C GLY A 27 -15.81 -7.01 -12.92
N GLN A 28 -15.00 -6.60 -11.92
CA GLN A 28 -15.53 -6.13 -10.64
C GLN A 28 -14.95 -4.80 -10.11
N VAL A 29 -13.72 -4.46 -10.52
CA VAL A 29 -12.99 -3.33 -9.95
C VAL A 29 -13.66 -1.96 -10.19
N LYS A 30 -14.27 -1.82 -11.38
CA LYS A 30 -14.97 -0.64 -11.82
C LYS A 30 -16.09 -0.29 -10.83
N ALA A 31 -16.93 -1.28 -10.52
CA ALA A 31 -18.00 -1.17 -9.52
C ALA A 31 -17.49 -0.79 -8.14
N ALA A 32 -16.35 -1.36 -7.71
CA ALA A 32 -15.74 -1.05 -6.39
C ALA A 32 -15.28 0.39 -6.25
N ILE A 33 -14.52 0.87 -7.25
CA ILE A 33 -14.05 2.26 -7.32
C ILE A 33 -15.23 3.21 -7.16
N LYS A 34 -16.25 2.97 -8.00
CA LYS A 34 -17.42 3.78 -8.12
C LYS A 34 -18.21 3.82 -6.80
N TYR A 35 -18.47 2.65 -6.22
CA TYR A 35 -19.14 2.59 -4.93
C TYR A 35 -18.33 3.33 -3.86
N ALA A 36 -17.03 3.05 -3.78
CA ALA A 36 -16.15 3.68 -2.81
C ALA A 36 -16.12 5.21 -2.96
N LEU A 37 -15.99 5.70 -4.19
CA LEU A 37 -16.02 7.15 -4.38
C LEU A 37 -17.36 7.74 -3.97
N THR A 38 -18.45 7.06 -4.29
CA THR A 38 -19.73 7.70 -4.05
C THR A 38 -20.12 7.75 -2.56
N VAL A 39 -19.65 6.80 -1.76
CA VAL A 39 -19.86 6.85 -0.31
C VAL A 39 -18.78 7.61 0.51
N GLY A 40 -17.82 8.26 -0.18
CA GLY A 40 -16.90 9.22 0.49
C GLY A 40 -15.40 8.95 0.43
N TYR A 41 -14.99 7.88 -0.25
CA TYR A 41 -13.55 7.60 -0.41
C TYR A 41 -12.91 8.67 -1.29
N ARG A 42 -11.71 9.10 -0.91
CA ARG A 42 -10.99 10.09 -1.67
C ARG A 42 -9.56 9.65 -1.78
N HIS A 43 -9.33 8.34 -1.65
CA HIS A 43 -7.97 7.77 -1.65
C HIS A 43 -8.04 6.35 -2.24
N ILE A 44 -7.33 6.16 -3.35
CA ILE A 44 -7.29 4.86 -4.07
C ILE A 44 -5.82 4.38 -4.11
N ASP A 45 -5.56 3.14 -3.72
CA ASP A 45 -4.22 2.59 -3.84
C ASP A 45 -4.21 1.55 -4.99
N CYS A 46 -3.29 1.73 -5.94
CA CYS A 46 -3.21 0.93 -7.18
C CYS A 46 -1.77 0.48 -7.39
N ALA A 47 -1.57 -0.39 -8.37
CA ALA A 47 -0.24 -0.74 -8.86
C ALA A 47 -0.36 -1.38 -10.25
N ALA A 48 0.61 -1.08 -11.10
CA ALA A 48 0.70 -1.70 -12.42
C ALA A 48 0.57 -3.22 -12.37
N ILE A 49 1.20 -3.85 -11.38
CA ILE A 49 1.35 -5.30 -11.27
C ILE A 49 0.05 -6.01 -10.87
N TYR A 50 -0.88 -5.25 -10.28
CA TYR A 50 -2.20 -5.80 -9.90
C TYR A 50 -3.04 -6.12 -11.14
N GLY A 51 -2.66 -5.54 -12.29
CA GLY A 51 -3.28 -5.81 -13.60
C GLY A 51 -4.70 -5.33 -13.80
N ASN A 52 -5.05 -4.23 -13.14
CA ASN A 52 -6.43 -3.72 -13.18
C ASN A 52 -6.50 -2.19 -13.38
N GLU A 53 -5.35 -1.57 -13.64
CA GLU A 53 -5.33 -0.13 -13.87
C GLU A 53 -6.17 0.34 -15.07
N LEU A 54 -6.26 -0.48 -16.12
CA LEU A 54 -7.03 -0.08 -17.32
C LEU A 54 -8.52 0.09 -17.02
N GLU A 55 -9.09 -0.81 -16.22
CA GLU A 55 -10.49 -0.73 -15.79
C GLU A 55 -10.71 0.26 -14.61
N ILE A 56 -9.77 0.34 -13.66
CA ILE A 56 -9.78 1.46 -12.68
C ILE A 56 -9.83 2.82 -13.41
N GLY A 57 -9.06 2.96 -14.50
CA GLY A 57 -9.06 4.17 -15.34
C GLY A 57 -10.40 4.52 -15.98
N GLU A 58 -11.09 3.51 -16.51
CA GLU A 58 -12.48 3.60 -16.98
C GLU A 58 -13.48 4.16 -15.96
N ALA A 59 -13.43 3.65 -14.73
CA ALA A 59 -14.23 4.13 -13.60
C ALA A 59 -13.90 5.57 -13.16
N LEU A 60 -12.60 5.89 -13.17
CA LEU A 60 -12.16 7.23 -12.80
C LEU A 60 -12.58 8.27 -13.81
N GLN A 61 -12.55 7.90 -15.10
CA GLN A 61 -12.90 8.83 -16.18
C GLN A 61 -14.37 9.25 -16.09
N GLU A 62 -15.20 8.31 -15.63
CA GLU A 62 -16.64 8.49 -15.51
C GLU A 62 -17.04 9.36 -14.35
N THR A 63 -16.22 9.31 -13.30
CA THR A 63 -16.62 9.78 -11.98
C THR A 63 -15.77 10.94 -11.46
N VAL A 64 -14.63 11.20 -12.11
CA VAL A 64 -13.64 12.15 -11.58
C VAL A 64 -13.18 13.11 -12.68
N GLY A 65 -13.21 14.40 -12.36
CA GLY A 65 -12.72 15.43 -13.28
C GLY A 65 -13.73 16.53 -13.56
N PRO A 66 -13.38 17.48 -14.48
CA PRO A 66 -14.32 18.57 -14.81
C PRO A 66 -15.61 18.02 -15.42
N GLY A 67 -16.75 18.33 -14.78
CA GLY A 67 -18.05 17.86 -15.27
C GLY A 67 -18.59 16.60 -14.62
N LYS A 68 -17.78 16.00 -13.74
CA LYS A 68 -18.08 14.73 -13.12
C LYS A 68 -18.48 14.87 -11.64
N ALA A 69 -18.89 13.76 -11.03
CA ALA A 69 -19.34 13.71 -9.63
C ALA A 69 -18.26 14.06 -8.58
N VAL A 70 -16.98 13.81 -8.93
CA VAL A 70 -15.83 14.06 -8.01
C VAL A 70 -14.78 14.95 -8.70
N PRO A 71 -14.43 16.12 -8.11
CA PRO A 71 -13.25 16.86 -8.65
C PRO A 71 -11.93 16.09 -8.55
N ARG A 72 -11.10 16.20 -9.58
CA ARG A 72 -9.76 15.60 -9.53
C ARG A 72 -8.86 16.08 -8.37
N GLU A 73 -8.88 17.38 -8.06
CA GLU A 73 -8.05 17.85 -6.97
C GLU A 73 -8.44 17.24 -5.59
N GLU A 74 -9.64 16.66 -5.45
CA GLU A 74 -10.04 16.07 -4.16
C GLU A 74 -9.81 14.55 -4.04
N LEU A 75 -9.22 13.95 -5.07
CA LEU A 75 -8.89 12.55 -5.11
C LEU A 75 -7.40 12.32 -4.88
N PHE A 76 -7.07 11.41 -3.96
CA PHE A 76 -5.67 10.99 -3.77
C PHE A 76 -5.48 9.63 -4.48
N VAL A 77 -4.72 9.63 -5.58
CA VAL A 77 -4.41 8.38 -6.29
C VAL A 77 -2.95 8.00 -6.10
N THR A 78 -2.71 6.78 -5.58
CA THR A 78 -1.37 6.20 -5.45
C THR A 78 -1.17 5.06 -6.49
N SER A 79 -0.02 5.04 -7.14
CA SER A 79 0.41 3.83 -7.85
C SER A 79 1.87 3.42 -7.49
N LYS A 80 2.33 2.31 -8.06
CA LYS A 80 3.68 1.83 -7.75
C LYS A 80 4.42 1.39 -9.00
N LEU A 81 5.74 1.60 -8.99
CA LEU A 81 6.65 1.16 -10.05
C LEU A 81 7.05 -0.30 -9.84
N TRP A 82 6.79 -1.16 -10.83
CA TRP A 82 7.11 -2.59 -10.73
C TRP A 82 8.61 -2.86 -10.88
N ASN A 83 9.05 -4.02 -10.36
CA ASN A 83 10.48 -4.41 -10.25
C ASN A 83 11.26 -4.51 -11.56
N THR A 84 10.58 -4.90 -12.64
CA THR A 84 11.15 -4.87 -14.00
C THR A 84 11.42 -3.45 -14.53
N LYS A 85 10.90 -2.45 -13.85
CA LYS A 85 10.97 -1.07 -14.35
C LYS A 85 11.88 -0.14 -13.54
N HIS A 86 12.97 -0.67 -12.99
CA HIS A 86 13.89 0.09 -12.15
C HIS A 86 14.98 0.88 -12.89
N HIS A 87 15.31 0.48 -14.11
CA HIS A 87 16.32 1.22 -14.89
C HIS A 87 15.86 2.65 -15.17
N PRO A 88 16.74 3.65 -14.95
CA PRO A 88 16.40 5.06 -15.23
C PRO A 88 15.65 5.31 -16.55
N GLU A 89 16.02 4.58 -17.61
CA GLU A 89 15.39 4.75 -18.92
C GLU A 89 13.91 4.30 -18.92
N ASP A 90 13.60 3.35 -18.05
CA ASP A 90 12.29 2.70 -18.01
C ASP A 90 11.29 3.33 -17.03
N VAL A 91 11.80 4.11 -16.07
CA VAL A 91 10.93 4.69 -15.03
C VAL A 91 9.80 5.55 -15.63
N GLU A 92 10.14 6.43 -16.57
CA GLU A 92 9.18 7.32 -17.20
C GLU A 92 8.12 6.66 -18.09
N PRO A 93 8.54 5.75 -19.04
CA PRO A 93 7.58 4.96 -19.83
C PRO A 93 6.65 4.09 -18.95
N ALA A 94 7.19 3.53 -17.86
CA ALA A 94 6.36 2.79 -16.89
C ALA A 94 5.28 3.69 -16.29
N LEU A 95 5.67 4.87 -15.81
CA LEU A 95 4.71 5.79 -15.20
C LEU A 95 3.65 6.27 -16.18
N ARG A 96 4.09 6.67 -17.38
CA ARG A 96 3.19 7.15 -18.43
C ARG A 96 2.19 6.06 -18.87
N LYS A 97 2.62 4.80 -18.91
CA LYS A 97 1.70 3.70 -19.16
C LYS A 97 0.62 3.65 -18.08
N THR A 98 1.02 3.76 -16.81
CA THR A 98 0.12 3.82 -15.65
C THR A 98 -0.81 5.04 -15.75
N LEU A 99 -0.26 6.19 -16.12
CA LEU A 99 -1.09 7.36 -16.32
C LEU A 99 -2.15 7.11 -17.40
N ALA A 100 -1.73 6.51 -18.51
CA ALA A 100 -2.62 6.21 -19.65
C ALA A 100 -3.71 5.23 -19.27
N ASP A 101 -3.34 4.09 -18.69
CA ASP A 101 -4.29 3.10 -18.15
C ASP A 101 -5.30 3.75 -17.20
N LEU A 102 -4.82 4.55 -16.26
CA LEU A 102 -5.66 5.26 -15.30
C LEU A 102 -6.43 6.46 -15.92
N GLN A 103 -5.95 6.93 -17.06
CA GLN A 103 -6.53 8.10 -17.77
C GLN A 103 -6.37 9.35 -16.92
N LEU A 104 -5.22 9.43 -16.27
CA LEU A 104 -4.94 10.51 -15.35
C LEU A 104 -3.84 11.35 -15.96
N GLU A 105 -3.78 12.61 -15.55
CA GLU A 105 -2.72 13.48 -15.99
C GLU A 105 -1.53 13.44 -15.03
N TYR A 106 -1.78 13.07 -13.78
CA TYR A 106 -0.74 13.02 -12.75
C TYR A 106 -1.09 11.99 -11.65
N LEU A 107 -0.07 11.56 -10.92
CA LEU A 107 -0.32 10.78 -9.69
C LEU A 107 -0.07 11.65 -8.46
N ASP A 108 -0.82 11.40 -7.39
CA ASP A 108 -0.55 12.08 -6.12
C ASP A 108 0.66 11.47 -5.36
N LEU A 109 0.82 10.14 -5.48
CA LEU A 109 1.93 9.43 -4.86
C LEU A 109 2.33 8.31 -5.81
N TYR A 110 3.62 8.18 -6.06
CA TYR A 110 4.18 7.07 -6.83
C TYR A 110 5.24 6.38 -5.99
N LEU A 111 5.04 5.09 -5.72
CA LEU A 111 5.95 4.34 -4.82
C LEU A 111 6.90 3.41 -5.57
N MET A 112 8.08 3.18 -5.02
CA MET A 112 8.93 2.08 -5.49
C MET A 112 8.45 0.80 -4.81
N HIS A 113 7.89 -0.12 -5.59
CA HIS A 113 7.19 -1.30 -5.03
C HIS A 113 8.11 -2.18 -4.19
N TRP A 114 9.32 -2.40 -4.69
CA TRP A 114 10.38 -3.16 -3.96
C TRP A 114 11.75 -2.49 -4.13
N PRO A 115 12.66 -2.68 -3.16
CA PRO A 115 14.04 -2.13 -3.31
C PRO A 115 14.92 -2.88 -4.35
N TYR A 116 14.55 -4.10 -4.71
CA TYR A 116 15.31 -4.89 -5.69
C TYR A 116 14.62 -4.92 -7.07
N ALA A 117 15.44 -5.04 -8.10
CA ALA A 117 15.00 -4.99 -9.49
C ALA A 117 14.92 -6.38 -10.16
N PHE A 118 14.03 -6.50 -11.15
CA PHE A 118 13.95 -7.69 -11.99
C PHE A 118 14.53 -7.36 -13.35
N GLU A 119 14.90 -8.38 -14.12
CA GLU A 119 15.32 -8.20 -15.50
C GLU A 119 14.39 -7.27 -16.28
N ARG A 120 14.98 -6.27 -16.94
CA ARG A 120 14.28 -5.35 -17.84
C ARG A 120 13.54 -6.08 -18.94
N GLY A 121 12.36 -5.57 -19.32
CA GLY A 121 11.54 -6.17 -20.39
C GLY A 121 10.04 -6.10 -20.18
N ASP A 122 9.28 -6.82 -21.01
CA ASP A 122 7.81 -6.85 -20.91
C ASP A 122 7.25 -8.08 -20.18
N ASN A 123 8.10 -8.88 -19.58
CA ASN A 123 7.68 -9.93 -18.66
C ASN A 123 7.83 -9.54 -17.20
N PRO A 124 6.74 -9.31 -16.50
CA PRO A 124 6.72 -8.93 -15.10
C PRO A 124 7.35 -9.91 -14.13
N PHE A 125 7.38 -11.18 -14.46
CA PHE A 125 8.15 -12.15 -13.72
C PHE A 125 9.19 -12.95 -14.51
N PRO A 126 10.30 -12.31 -14.84
CA PRO A 126 11.25 -12.95 -15.70
C PRO A 126 12.10 -14.02 -15.03
N LYS A 127 12.41 -15.04 -15.77
CA LYS A 127 12.83 -16.24 -15.15
C LYS A 127 14.11 -16.75 -15.76
N ASN A 128 14.85 -17.50 -15.00
CA ASN A 128 15.77 -18.48 -15.54
C ASN A 128 15.21 -19.80 -16.06
N ALA A 129 15.99 -20.43 -16.92
CA ALA A 129 16.58 -21.74 -16.71
C ALA A 129 15.90 -22.70 -15.74
N ASP A 130 16.31 -22.64 -14.47
CA ASP A 130 15.68 -23.36 -13.38
C ASP A 130 14.32 -22.90 -12.88
N GLY A 131 13.77 -21.85 -13.47
CA GLY A 131 12.62 -21.15 -13.00
C GLY A 131 12.68 -20.28 -11.76
N THR A 132 13.85 -19.95 -11.26
CA THR A 132 14.02 -18.88 -10.32
C THR A 132 13.90 -17.52 -10.97
N ILE A 133 13.74 -16.51 -10.17
CA ILE A 133 13.65 -15.17 -10.72
C ILE A 133 14.97 -14.68 -11.29
N ARG A 134 14.87 -14.00 -12.42
CA ARG A 134 15.99 -13.33 -13.03
C ARG A 134 16.09 -11.90 -12.48
N TYR A 135 17.21 -11.58 -11.84
CA TYR A 135 17.38 -10.27 -11.24
C TYR A 135 18.19 -9.29 -12.11
N ASP A 136 18.04 -8.00 -11.83
CA ASP A 136 18.81 -6.94 -12.45
C ASP A 136 19.44 -6.17 -11.27
N ALA A 137 20.70 -5.75 -11.40
CA ALA A 137 21.41 -5.16 -10.23
C ALA A 137 21.36 -3.61 -10.08
N THR A 138 20.40 -2.98 -10.75
CA THR A 138 20.15 -1.55 -10.61
C THR A 138 19.89 -1.23 -9.12
N HIS A 139 20.63 -0.27 -8.60
CA HIS A 139 20.53 0.07 -7.20
C HIS A 139 19.35 1.01 -7.01
N TYR A 140 18.67 0.89 -5.88
CA TYR A 140 17.46 1.68 -5.67
C TYR A 140 17.74 3.19 -5.62
N LYS A 141 19.00 3.57 -5.40
CA LYS A 141 19.36 4.99 -5.33
C LYS A 141 19.33 5.64 -6.71
N ASP A 142 19.73 4.85 -7.73
CA ASP A 142 19.64 5.28 -9.12
C ASP A 142 18.22 5.40 -9.59
N THR A 143 17.40 4.43 -9.20
CA THR A 143 15.97 4.45 -9.50
C THR A 143 15.37 5.72 -8.92
N TRP A 144 15.77 6.03 -7.68
CA TRP A 144 15.22 7.16 -6.94
C TRP A 144 15.45 8.47 -7.69
N LYS A 145 16.67 8.70 -8.19
CA LYS A 145 16.97 9.93 -8.94
C LYS A 145 16.08 10.09 -10.18
N ALA A 146 15.81 8.96 -10.85
CA ALA A 146 15.02 8.93 -12.06
C ALA A 146 13.56 9.21 -11.75
N LEU A 147 13.11 8.72 -10.61
CA LEU A 147 11.79 9.07 -10.07
C LEU A 147 11.69 10.57 -9.73
N GLU A 148 12.78 11.19 -9.28
CA GLU A 148 12.72 12.63 -8.98
C GLU A 148 12.44 13.46 -10.23
N ALA A 149 12.93 13.01 -11.38
CA ALA A 149 12.75 13.73 -12.63
C ALA A 149 11.28 13.76 -13.09
N LEU A 150 10.47 12.83 -12.58
CA LEU A 150 9.02 12.76 -12.87
C LEU A 150 8.23 13.84 -12.12
N VAL A 151 8.67 14.14 -10.90
CA VAL A 151 8.15 15.23 -10.09
C VAL A 151 8.39 16.54 -10.83
N ALA A 152 9.56 16.69 -11.42
CA ALA A 152 9.91 17.93 -12.15
C ALA A 152 9.06 18.08 -13.40
N LYS A 153 8.56 16.97 -13.94
CA LYS A 153 7.77 17.00 -15.18
C LYS A 153 6.27 17.23 -14.90
N GLY A 154 5.91 17.26 -13.62
CA GLY A 154 4.52 17.46 -13.19
C GLY A 154 3.66 16.21 -13.23
N LEU A 155 4.30 15.07 -13.43
CA LEU A 155 3.63 13.79 -13.58
C LEU A 155 3.24 13.12 -12.25
N VAL A 156 3.88 13.58 -11.17
CA VAL A 156 3.73 13.03 -9.82
C VAL A 156 3.90 14.15 -8.78
N ARG A 157 3.00 14.23 -7.80
CA ARG A 157 3.13 15.18 -6.71
C ARG A 157 4.11 14.78 -5.59
N ALA A 158 4.06 13.51 -5.20
CA ALA A 158 4.92 13.00 -4.12
C ALA A 158 5.53 11.65 -4.46
N LEU A 159 6.67 11.36 -3.85
CA LEU A 159 7.34 10.07 -4.00
C LEU A 159 7.38 9.34 -2.66
N GLY A 160 7.52 8.02 -2.73
CA GLY A 160 7.61 7.22 -1.54
C GLY A 160 8.16 5.82 -1.77
N LEU A 161 8.07 5.01 -0.71
CA LEU A 161 8.78 3.74 -0.65
C LEU A 161 7.83 2.65 -0.21
N SER A 162 7.95 1.47 -0.81
CA SER A 162 7.17 0.29 -0.41
C SER A 162 8.18 -0.87 -0.16
N ASN A 163 7.97 -1.60 0.95
CA ASN A 163 8.82 -2.75 1.37
C ASN A 163 10.32 -2.46 1.46
N PHE A 164 10.63 -1.33 2.06
CA PHE A 164 11.98 -0.87 2.36
C PHE A 164 12.18 -1.01 3.86
N SER A 165 13.40 -1.38 4.27
CA SER A 165 13.75 -1.45 5.69
C SER A 165 14.30 -0.09 6.14
N SER A 166 14.48 0.08 7.45
CA SER A 166 15.01 1.33 8.02
C SER A 166 16.32 1.81 7.41
N ARG A 167 17.23 0.88 7.09
CA ARG A 167 18.56 1.18 6.53
C ARG A 167 18.53 1.54 5.05
N GLN A 168 17.58 0.93 4.34
CA GLN A 168 17.35 1.23 2.94
C GLN A 168 16.75 2.64 2.80
N ILE A 169 15.81 2.96 3.70
CA ILE A 169 15.19 4.28 3.77
C ILE A 169 16.26 5.37 4.00
N ASP A 170 17.09 5.22 5.03
CA ASP A 170 18.21 6.14 5.32
C ASP A 170 19.25 6.23 4.22
N ASP A 171 19.49 5.13 3.53
CA ASP A 171 20.33 5.13 2.34
C ASP A 171 19.72 6.03 1.28
N VAL A 172 18.39 5.93 1.06
CA VAL A 172 17.68 6.78 0.08
C VAL A 172 17.77 8.28 0.45
N LEU A 173 17.53 8.60 1.73
CA LEU A 173 17.63 9.98 2.24
C LEU A 173 19.02 10.60 2.08
N SER A 174 20.06 9.78 2.08
CA SER A 174 21.40 10.35 1.94
C SER A 174 21.63 10.99 0.56
N VAL A 175 20.81 10.60 -0.43
CA VAL A 175 20.90 11.10 -1.80
C VAL A 175 19.66 11.85 -2.28
N ALA A 176 18.62 11.94 -1.45
CA ALA A 176 17.32 12.42 -1.91
C ALA A 176 17.21 13.96 -2.00
N SER A 177 16.89 14.44 -3.20
CA SER A 177 16.62 15.85 -3.47
C SER A 177 15.16 16.13 -3.22
N VAL A 178 14.32 15.16 -3.58
CA VAL A 178 12.91 15.12 -3.19
C VAL A 178 12.79 14.00 -2.17
N ARG A 179 12.46 14.34 -0.93
CA ARG A 179 12.38 13.37 0.18
C ARG A 179 11.17 12.44 0.03
N PRO A 180 11.34 11.14 0.33
CA PRO A 180 10.13 10.32 0.29
C PRO A 180 9.13 10.84 1.33
N ALA A 181 7.84 10.66 1.03
CA ALA A 181 6.77 11.24 1.83
C ALA A 181 6.05 10.16 2.64
N VAL A 182 6.09 8.93 2.15
CA VAL A 182 5.35 7.82 2.72
C VAL A 182 6.16 6.53 2.59
N LEU A 183 6.11 5.71 3.66
CA LEU A 183 6.44 4.29 3.59
C LEU A 183 5.16 3.44 3.61
N GLN A 184 5.00 2.53 2.63
CA GLN A 184 3.93 1.53 2.67
C GLN A 184 4.50 0.12 2.92
N VAL A 185 4.03 -0.52 4.01
CA VAL A 185 4.53 -1.82 4.46
C VAL A 185 3.38 -2.56 5.10
N GLU A 186 3.52 -3.89 5.28
CA GLU A 186 2.53 -4.70 6.01
C GLU A 186 2.45 -4.29 7.48
N CYS A 187 1.24 -3.99 7.95
CA CYS A 187 1.05 -3.62 9.34
C CYS A 187 -0.37 -3.92 9.88
N HIS A 188 -0.41 -4.51 11.08
CA HIS A 188 -1.63 -4.91 11.77
C HIS A 188 -1.15 -5.40 13.14
N PRO A 189 -2.08 -5.72 14.08
CA PRO A 189 -1.70 -6.15 15.44
C PRO A 189 -0.69 -7.29 15.60
N TYR A 190 -0.60 -8.20 14.62
CA TYR A 190 0.42 -9.30 14.66
C TYR A 190 1.85 -8.90 14.20
N LEU A 191 1.92 -7.85 13.39
CA LEU A 191 3.17 -7.22 12.90
C LEU A 191 3.02 -5.71 13.05
N ALA A 192 3.21 -5.19 14.26
CA ALA A 192 2.92 -3.81 14.59
C ALA A 192 3.87 -2.77 14.06
N GLN A 193 5.07 -3.18 13.61
CA GLN A 193 6.08 -2.24 13.02
C GLN A 193 6.38 -1.02 13.88
N ASN A 194 6.32 -1.17 15.20
CA ASN A 194 6.49 -0.03 16.11
C ASN A 194 7.84 0.63 15.88
N GLU A 195 8.86 -0.19 15.65
CA GLU A 195 10.22 0.28 15.51
C GLU A 195 10.38 1.08 14.22
N LEU A 196 9.96 0.48 13.11
CA LEU A 196 9.97 1.13 11.81
C LEU A 196 9.06 2.38 11.71
N ILE A 197 7.90 2.36 12.39
CA ILE A 197 7.03 3.54 12.46
C ILE A 197 7.71 4.70 13.20
N ALA A 198 8.40 4.40 14.31
CA ALA A 198 9.16 5.42 15.04
C ALA A 198 10.30 6.00 14.21
N HIS A 199 10.95 5.16 13.44
CA HIS A 199 12.01 5.55 12.53
C HIS A 199 11.48 6.53 11.46
N CYS A 200 10.29 6.22 10.91
CA CYS A 200 9.65 7.09 9.93
C CYS A 200 9.24 8.47 10.48
N GLN A 201 8.69 8.52 11.69
CA GLN A 201 8.31 9.82 12.29
C GLN A 201 9.53 10.68 12.56
N ALA A 202 10.64 10.05 12.95
CA ALA A 202 11.93 10.75 13.04
C ALA A 202 12.32 11.40 11.69
N ARG A 203 11.99 10.74 10.59
CA ARG A 203 12.45 11.16 9.28
C ARG A 203 11.43 11.88 8.40
N GLY A 204 10.22 12.08 8.93
CA GLY A 204 9.19 12.83 8.22
C GLY A 204 8.42 12.05 7.16
N LEU A 205 8.53 10.73 7.19
CA LEU A 205 7.73 9.86 6.34
C LEU A 205 6.43 9.45 7.06
N GLU A 206 5.28 9.58 6.37
CA GLU A 206 4.04 8.98 6.89
C GLU A 206 3.98 7.49 6.55
N VAL A 207 3.28 6.71 7.36
CA VAL A 207 3.20 5.25 7.17
C VAL A 207 1.79 4.78 6.75
N THR A 208 1.74 3.99 5.68
CA THR A 208 0.52 3.34 5.22
C THR A 208 0.62 1.85 5.52
N ALA A 209 -0.37 1.34 6.26
CA ALA A 209 -0.48 -0.09 6.56
C ALA A 209 -1.20 -0.81 5.42
N TYR A 210 -0.46 -1.65 4.71
CA TYR A 210 -1.07 -2.62 3.81
C TYR A 210 -1.36 -3.94 4.53
N SER A 211 -2.32 -4.70 3.99
CA SER A 211 -2.84 -5.92 4.58
C SER A 211 -3.26 -5.61 6.02
N PRO A 212 -4.00 -4.47 6.21
CA PRO A 212 -4.36 -4.03 7.57
C PRO A 212 -5.34 -5.01 8.25
N LEU A 213 -5.91 -5.91 7.44
CA LEU A 213 -6.90 -6.89 7.89
C LEU A 213 -6.36 -8.33 7.87
N GLY A 214 -5.04 -8.47 7.71
CA GLY A 214 -4.42 -9.78 7.66
C GLY A 214 -4.59 -10.48 6.34
N SER A 215 -5.22 -9.81 5.38
CA SER A 215 -5.29 -10.28 4.00
C SER A 215 -5.88 -11.71 3.86
N SER A 216 -6.98 -11.98 4.58
CA SER A 216 -7.51 -13.36 4.82
C SER A 216 -7.78 -14.31 3.63
N ASP A 217 -7.77 -13.77 2.42
CA ASP A 217 -7.92 -14.59 1.22
C ASP A 217 -6.72 -14.38 0.27
N ARG A 218 -5.49 -14.42 0.84
CA ARG A 218 -4.25 -14.52 0.03
C ARG A 218 -3.96 -15.94 -0.55
N ALA A 219 -3.29 -16.00 -1.69
CA ALA A 219 -3.44 -17.08 -2.68
C ALA A 219 -2.91 -18.48 -2.34
N TRP A 220 -1.91 -18.59 -1.49
CA TRP A 220 -1.76 -19.76 -0.62
C TRP A 220 -1.54 -19.24 0.78
N ARG A 221 -1.31 -20.15 1.70
CA ARG A 221 -1.40 -19.70 3.10
C ARG A 221 -1.28 -20.98 3.91
N ASP A 222 -0.70 -20.86 5.09
CA ASP A 222 -0.48 -22.01 5.92
C ASP A 222 -1.79 -22.31 6.67
N PRO A 223 -2.25 -23.58 6.59
CA PRO A 223 -3.34 -24.12 7.42
C PRO A 223 -3.27 -23.73 8.90
N ASN A 224 -2.07 -23.76 9.48
CA ASN A 224 -1.82 -23.71 10.93
C ASN A 224 -1.63 -22.29 11.50
N GLU A 225 -1.39 -21.29 10.65
CA GLU A 225 -1.22 -19.92 11.15
CA GLU A 225 -1.22 -19.91 11.14
C GLU A 225 -2.55 -19.25 11.55
N PRO A 226 -2.51 -18.39 12.59
CA PRO A 226 -3.78 -17.78 13.01
C PRO A 226 -4.37 -16.80 11.97
N VAL A 227 -5.68 -16.59 12.07
CA VAL A 227 -6.42 -15.63 11.26
C VAL A 227 -6.65 -14.43 12.15
N LEU A 228 -6.11 -13.29 11.72
CA LEU A 228 -6.22 -12.01 12.43
C LEU A 228 -7.65 -11.59 12.80
N LEU A 229 -8.58 -11.70 11.85
CA LEU A 229 -10.00 -11.39 12.05
C LEU A 229 -10.74 -12.34 13.03
N GLU A 230 -10.13 -13.47 13.39
CA GLU A 230 -10.74 -14.43 14.32
C GLU A 230 -10.19 -14.26 15.73
N GLU A 231 -9.14 -13.45 15.82
CA GLU A 231 -8.47 -13.14 17.09
C GLU A 231 -9.48 -12.83 18.21
N PRO A 232 -9.47 -13.64 19.31
CA PRO A 232 -10.32 -13.48 20.48
C PRO A 232 -10.43 -12.06 21.00
N VAL A 233 -9.28 -11.40 21.25
CA VAL A 233 -9.25 -10.01 21.75
C VAL A 233 -9.98 -9.04 20.81
N VAL A 234 -9.71 -9.20 19.50
CA VAL A 234 -10.36 -8.41 18.45
C VAL A 234 -11.87 -8.66 18.43
N GLN A 235 -12.29 -9.94 18.55
CA GLN A 235 -13.72 -10.32 18.50
C GLN A 235 -14.49 -9.83 19.72
N ALA A 236 -13.79 -9.70 20.85
CA ALA A 236 -14.41 -9.23 22.08
C ALA A 236 -14.53 -7.69 22.12
N LEU A 237 -13.57 -6.98 21.51
CA LEU A 237 -13.68 -5.53 21.33
C LEU A 237 -14.79 -5.20 20.31
N ALA A 238 -14.86 -5.98 19.22
CA ALA A 238 -15.98 -5.95 18.30
C ALA A 238 -17.34 -5.98 19.00
N GLU A 239 -17.51 -6.91 19.94
CA GLU A 239 -18.78 -7.06 20.63
C GLU A 239 -19.03 -5.90 21.59
N LYS A 240 -17.99 -5.52 22.33
CA LYS A 240 -18.06 -4.38 23.24
C LYS A 240 -18.51 -3.09 22.53
N TYR A 241 -17.99 -2.84 21.32
CA TYR A 241 -18.27 -1.58 20.60
C TYR A 241 -19.37 -1.66 19.56
N ASN A 242 -20.01 -2.83 19.41
CA ASN A 242 -21.01 -3.08 18.36
CA ASN A 242 -20.99 -3.12 18.36
C ASN A 242 -20.45 -2.78 16.96
N ARG A 243 -19.24 -3.26 16.70
CA ARG A 243 -18.53 -3.02 15.45
C ARG A 243 -18.12 -4.36 14.88
N SER A 244 -17.58 -4.34 13.66
CA SER A 244 -17.03 -5.57 13.13
C SER A 244 -15.57 -5.68 13.52
N PRO A 245 -15.04 -6.92 13.60
CA PRO A 245 -13.62 -7.16 13.78
C PRO A 245 -12.69 -6.33 12.86
N ALA A 246 -13.10 -6.13 11.61
CA ALA A 246 -12.32 -5.32 10.66
C ALA A 246 -12.26 -3.86 11.12
N GLN A 247 -13.39 -3.34 11.58
CA GLN A 247 -13.45 -2.01 12.16
C GLN A 247 -12.54 -1.86 13.38
N ILE A 248 -12.48 -2.89 14.22
CA ILE A 248 -11.51 -2.91 15.32
C ILE A 248 -10.07 -2.79 14.82
N LEU A 249 -9.73 -3.54 13.78
CA LEU A 249 -8.38 -3.59 13.26
C LEU A 249 -7.93 -2.27 12.66
N LEU A 250 -8.88 -1.63 11.98
CA LEU A 250 -8.63 -0.34 11.31
C LEU A 250 -8.64 0.82 12.30
N ARG A 251 -9.48 0.74 13.34
CA ARG A 251 -9.53 1.81 14.33
C ARG A 251 -8.21 1.90 15.11
N TRP A 252 -7.64 0.74 15.43
CA TRP A 252 -6.35 0.64 16.08
C TRP A 252 -5.28 1.44 15.34
N GLN A 253 -5.25 1.31 14.02
CA GLN A 253 -4.26 1.99 13.19
C GLN A 253 -4.52 3.49 13.07
N VAL A 254 -5.76 3.91 12.75
CA VAL A 254 -5.98 5.34 12.53
C VAL A 254 -5.85 6.13 13.83
N GLN A 255 -6.10 5.42 14.95
CA GLN A 255 -5.92 6.00 16.27
C GLN A 255 -4.44 6.35 16.54
N ARG A 256 -3.49 5.58 15.99
CA ARG A 256 -2.07 5.97 16.06
C ARG A 256 -1.60 6.75 14.82
N LYS A 257 -2.56 7.22 14.03
CA LYS A 257 -2.29 7.99 12.80
C LYS A 257 -1.53 7.20 11.75
N VAL A 258 -1.81 5.90 11.67
CA VAL A 258 -1.32 5.09 10.58
C VAL A 258 -2.42 5.00 9.50
N ILE A 259 -2.05 5.43 8.28
CA ILE A 259 -2.90 5.33 7.07
C ILE A 259 -3.14 3.87 6.78
N CYS A 260 -4.38 3.52 6.40
CA CYS A 260 -4.75 2.12 6.11
C CYS A 260 -5.42 2.08 4.76
N ILE A 261 -5.22 0.99 4.01
CA ILE A 261 -5.79 0.82 2.68
C ILE A 261 -6.50 -0.53 2.56
N PRO A 262 -7.56 -0.76 3.38
CA PRO A 262 -8.25 -2.06 3.28
C PRO A 262 -8.86 -2.32 1.89
N LYS A 263 -8.67 -3.52 1.36
CA LYS A 263 -9.30 -3.89 0.08
C LYS A 263 -10.61 -4.60 0.37
N SER A 264 -11.65 -4.18 -0.34
CA SER A 264 -12.86 -4.92 -0.43
C SER A 264 -13.52 -4.61 -1.75
N VAL A 265 -14.31 -5.58 -2.24
CA VAL A 265 -15.25 -5.40 -3.36
C VAL A 265 -16.71 -5.44 -2.85
N THR A 266 -16.88 -5.76 -1.56
CA THR A 266 -18.18 -5.85 -0.90
C THR A 266 -18.68 -4.47 -0.42
N PRO A 267 -19.73 -3.93 -1.08
CA PRO A 267 -20.23 -2.60 -0.78
C PRO A 267 -20.42 -2.34 0.72
N SER A 268 -21.08 -3.27 1.44
CA SER A 268 -21.25 -3.12 2.89
C SER A 268 -19.91 -3.06 3.66
N ARG A 269 -18.89 -3.77 3.19
CA ARG A 269 -17.56 -3.76 3.85
C ARG A 269 -16.77 -2.49 3.52
N ILE A 270 -16.77 -2.09 2.24
CA ILE A 270 -16.32 -0.77 1.83
C ILE A 270 -16.91 0.34 2.71
N LEU A 271 -18.23 0.31 2.93
CA LEU A 271 -18.86 1.36 3.73
C LEU A 271 -18.28 1.36 5.16
N GLN A 272 -18.44 0.23 5.85
CA GLN A 272 -17.94 0.06 7.20
C GLN A 272 -16.45 0.32 7.40
N ASN A 273 -15.64 0.03 6.38
CA ASN A 273 -14.19 0.19 6.48
C ASN A 273 -13.69 1.63 6.68
N ILE A 274 -14.43 2.58 6.10
CA ILE A 274 -14.17 4.01 6.24
C ILE A 274 -14.86 4.62 7.48
N GLN A 275 -15.72 3.86 8.17
CA GLN A 275 -16.48 4.31 9.37
C GLN A 275 -15.79 3.96 10.66
N VAL A 276 -14.60 4.55 10.81
CA VAL A 276 -13.65 4.25 11.91
C VAL A 276 -13.19 5.44 12.68
N PHE A 277 -13.95 6.54 12.56
CA PHE A 277 -13.58 7.85 13.16
C PHE A 277 -14.66 8.35 14.09
N ASP A 278 -15.52 7.45 14.57
CA ASP A 278 -16.63 7.81 15.47
C ASP A 278 -16.59 7.08 16.83
N PHE A 279 -15.50 6.38 17.07
CA PHE A 279 -15.28 5.72 18.36
C PHE A 279 -13.78 5.74 18.67
N THR A 280 -13.44 5.50 19.94
CA THR A 280 -12.06 5.64 20.45
C THR A 280 -11.75 4.53 21.44
N PHE A 281 -10.60 3.88 21.32
CA PHE A 281 -10.22 2.89 22.30
C PHE A 281 -9.63 3.56 23.54
N SER A 282 -9.88 3.01 24.73
CA SER A 282 -9.26 3.53 25.94
C SER A 282 -7.78 3.13 25.89
N PRO A 283 -6.91 3.80 26.67
CA PRO A 283 -5.49 3.34 26.74
C PRO A 283 -5.32 1.84 27.03
N GLU A 284 -6.19 1.28 27.88
CA GLU A 284 -6.09 -0.12 28.31
C GLU A 284 -6.46 -1.09 27.16
N GLU A 285 -7.49 -0.73 26.39
CA GLU A 285 -7.86 -1.43 25.16
C GLU A 285 -6.78 -1.36 24.11
N MET A 286 -6.15 -0.19 23.95
CA MET A 286 -5.05 -0.04 23.00
C MET A 286 -3.94 -1.02 23.36
N LYS A 287 -3.58 -1.01 24.64
CA LYS A 287 -2.64 -1.96 25.28
C LYS A 287 -2.90 -3.47 25.02
N GLN A 288 -4.13 -3.93 25.20
CA GLN A 288 -4.54 -5.27 24.78
C GLN A 288 -4.18 -5.61 23.33
N LEU A 289 -4.43 -4.64 22.43
CA LEU A 289 -4.17 -4.81 21.01
C LEU A 289 -2.66 -4.71 20.73
N ASP A 290 -1.94 -3.90 21.53
CA ASP A 290 -0.48 -3.81 21.43
C ASP A 290 0.23 -5.06 21.97
N ALA A 291 -0.46 -5.85 22.80
CA ALA A 291 0.08 -7.12 23.31
C ALA A 291 0.06 -8.25 22.27
N LEU A 292 -0.82 -8.16 21.26
CA LEU A 292 -0.90 -9.17 20.16
C LEU A 292 0.34 -9.29 19.24
N ASN A 293 1.29 -8.37 19.35
CA ASN A 293 2.46 -8.33 18.46
C ASN A 293 3.24 -9.64 18.49
N LYS A 294 3.37 -10.30 17.35
CA LYS A 294 4.15 -11.50 17.35
C LYS A 294 5.14 -11.71 16.25
N ASN A 295 5.44 -10.68 15.51
CA ASN A 295 6.35 -10.82 14.37
C ASN A 295 5.81 -11.86 13.36
N LEU A 296 4.50 -11.84 13.15
CA LEU A 296 3.89 -12.70 12.11
C LEU A 296 3.61 -11.91 10.82
N ARG A 297 4.45 -12.21 9.81
CA ARG A 297 4.36 -11.65 8.47
C ARG A 297 3.55 -12.56 7.56
N PHE A 298 2.50 -12.03 6.97
CA PHE A 298 1.64 -12.80 6.06
C PHE A 298 2.07 -12.69 4.59
N ILE A 299 2.58 -11.54 4.19
CA ILE A 299 2.85 -11.27 2.77
C ILE A 299 4.36 -11.41 2.47
N VAL A 300 4.70 -12.58 1.95
CA VAL A 300 6.07 -12.93 1.56
C VAL A 300 5.96 -13.43 0.12
N PRO A 301 6.71 -12.83 -0.83
CA PRO A 301 6.62 -13.31 -2.22
C PRO A 301 7.07 -14.76 -2.37
N MET A 302 6.20 -15.60 -2.92
CA MET A 302 6.50 -17.01 -3.19
C MET A 302 6.49 -17.36 -4.68
N LEU A 303 7.25 -18.36 -5.10
CA LEU A 303 7.00 -19.06 -6.37
C LEU A 303 7.20 -20.59 -6.46
N THR A 304 6.98 -21.13 -7.66
CA THR A 304 7.05 -22.56 -8.06
C THR A 304 6.94 -23.65 -6.98
N VAL A 305 5.70 -24.01 -6.64
CA VAL A 305 5.50 -25.26 -5.95
C VAL A 305 5.80 -26.44 -6.88
N ASP A 306 7.04 -26.92 -6.87
CA ASP A 306 7.29 -28.18 -7.57
C ASP A 306 7.73 -29.23 -6.57
N VAL A 310 8.02 -22.09 -2.92
CA VAL A 310 9.15 -21.49 -2.24
C VAL A 310 9.20 -19.98 -2.11
N PRO A 311 9.98 -19.49 -1.15
CA PRO A 311 10.12 -18.05 -1.00
C PRO A 311 10.97 -17.49 -2.14
N ARG A 312 10.34 -16.66 -2.91
CA ARG A 312 10.93 -16.17 -4.13
C ARG A 312 12.24 -15.38 -3.94
N ASP A 313 12.24 -14.37 -3.07
CA ASP A 313 13.32 -13.38 -3.02
C ASP A 313 14.07 -13.38 -1.69
N ALA A 314 13.65 -14.22 -0.75
CA ALA A 314 14.24 -14.25 0.59
C ALA A 314 15.76 -14.28 0.61
N GLY A 315 16.37 -14.89 -0.39
CA GLY A 315 17.84 -15.03 -0.41
C GLY A 315 18.58 -13.87 -1.06
N HIS A 316 17.85 -12.88 -1.62
CA HIS A 316 18.46 -11.74 -2.32
C HIS A 316 19.13 -10.79 -1.32
N PRO A 317 20.38 -10.36 -1.61
CA PRO A 317 21.08 -9.33 -0.80
C PRO A 317 20.30 -8.04 -0.49
N LEU A 318 19.40 -7.61 -1.37
CA LEU A 318 18.62 -6.40 -1.12
C LEU A 318 17.23 -6.68 -0.53
N TYR A 319 16.94 -7.94 -0.23
CA TYR A 319 15.68 -8.32 0.44
C TYR A 319 15.52 -7.57 1.76
N PRO A 320 14.40 -6.83 1.93
CA PRO A 320 14.26 -5.88 3.04
C PRO A 320 14.00 -6.47 4.43
N PHE A 321 13.66 -7.76 4.49
CA PHE A 321 13.05 -8.32 5.70
C PHE A 321 14.03 -9.04 6.64
N ASN A 322 15.32 -9.03 6.28
CA ASN A 322 16.38 -9.67 7.05
C ASN A 322 16.93 -8.86 8.23
N ASP A 323 16.98 -7.54 8.11
CA ASP A 323 17.33 -6.69 9.26
C ASP A 323 16.25 -6.83 10.34
N PRO A 324 16.57 -6.48 11.59
CA PRO A 324 15.46 -6.49 12.59
C PRO A 324 14.28 -5.55 12.21
N TYR A 325 14.58 -4.36 11.67
CA TYR A 325 13.55 -3.49 11.05
C TYR A 325 14.15 -2.53 9.98
#